data_2ZCV
#
_entry.id   2ZCV
#
_cell.length_a   81.284
_cell.length_b   81.284
_cell.length_c   77.506
_cell.angle_alpha   90.00
_cell.angle_beta   90.00
_cell.angle_gamma   120.00
#
_symmetry.space_group_name_H-M   'P 32 2 1'
#
loop_
_entity.id
_entity.type
_entity.pdbx_description
1 polymer 'Uncharacterized oxidoreductase ytfG'
2 non-polymer 'COPPER (II) ION'
3 non-polymer 'SULFATE ION'
4 non-polymer 'NADPH DIHYDRO-NICOTINAMIDE-ADENINE-DINUCLEOTIDE PHOSPHATE'
5 water water
#
_entity_poly.entity_id   1
_entity_poly.type   'polypeptide(L)'
_entity_poly.pdbx_seq_one_letter_code
;MIAITGATGQLGHYVIESLMKTVPASQIVAIVRNPAKAQALAAQGITVRQADYGDEAALTSALQGVEKLLLISSSEVGQR
APQHRNVINAAKAAGVKFIAYTSLLHADTSPLGLADEHIETEKMLADSGIVYTLLRNGWYSENYLASAPAALEHGVFIGA
AGDGKIASATRADYAAAAARVISEAGHEGKVYELAGDSAWTLTQLAAELTKQSGKQVTYQNLSEADFAAALKSVGLPDGL
ADMLADSDVGASKGGLFDDSKTLSKLIGHPTTTLAESVSHLFNVNN
;
_entity_poly.pdbx_strand_id   A
#
# COMPACT_ATOMS: atom_id res chain seq x y z
N MET A 1 4.72 14.36 18.63
CA MET A 1 5.67 14.07 17.51
C MET A 1 5.30 12.77 16.81
N ILE A 2 5.22 12.83 15.49
CA ILE A 2 4.86 11.67 14.68
C ILE A 2 6.07 11.12 13.92
N ALA A 3 6.13 9.80 13.82
CA ALA A 3 7.23 9.16 13.10
C ALA A 3 6.63 8.27 12.01
N ILE A 4 7.43 8.00 10.99
CA ILE A 4 6.97 7.19 9.86
C ILE A 4 8.09 6.38 9.25
N THR A 5 7.87 5.07 9.11
CA THR A 5 8.88 4.22 8.47
C THR A 5 8.58 4.25 6.97
N GLY A 6 9.45 3.62 6.17
CA GLY A 6 9.25 3.60 4.73
C GLY A 6 8.94 4.94 4.12
N ALA A 7 9.34 6.01 4.79
CA ALA A 7 9.10 7.36 4.30
C ALA A 7 9.68 7.62 2.90
N THR A 8 10.73 6.89 2.53
CA THR A 8 11.36 7.07 1.23
C THR A 8 10.71 6.28 0.10
N GLY A 9 9.65 5.54 0.43
CA GLY A 9 8.95 4.74 -0.57
C GLY A 9 7.91 5.58 -1.26
N GLN A 10 7.27 5.05 -2.30
CA GLN A 10 6.26 5.77 -3.07
C GLN A 10 5.06 6.22 -2.24
N LEU A 11 4.54 5.34 -1.40
CA LEU A 11 3.41 5.67 -0.56
C LEU A 11 3.82 6.71 0.48
N GLY A 12 4.89 6.41 1.22
CA GLY A 12 5.37 7.31 2.26
C GLY A 12 5.68 8.70 1.76
N HIS A 13 6.27 8.79 0.58
CA HIS A 13 6.61 10.06 -0.01
C HIS A 13 5.32 10.90 -0.06
N TYR A 14 4.23 10.28 -0.49
CA TYR A 14 2.95 10.96 -0.56
C TYR A 14 2.40 11.26 0.82
N VAL A 15 2.57 10.33 1.76
CA VAL A 15 2.10 10.54 3.13
C VAL A 15 2.69 11.83 3.65
N ILE A 16 4.00 11.98 3.46
CA ILE A 16 4.72 13.16 3.90
C ILE A 16 4.24 14.46 3.24
N GLU A 17 4.02 14.44 1.93
CA GLU A 17 3.54 15.64 1.24
C GLU A 17 2.17 15.99 1.79
N SER A 18 1.36 14.96 1.98
CA SER A 18 0.03 15.13 2.52
C SER A 18 0.11 15.73 3.92
N LEU A 19 0.88 15.08 4.80
CA LEU A 19 1.05 15.53 6.16
C LEU A 19 1.55 16.98 6.26
N MET A 20 2.47 17.34 5.37
CA MET A 20 3.03 18.69 5.39
C MET A 20 2.06 19.83 5.05
N LYS A 21 0.84 19.48 4.68
CA LYS A 21 -0.12 20.52 4.37
C LYS A 21 -0.66 21.05 5.69
N THR A 22 -0.65 20.22 6.73
CA THR A 22 -1.17 20.63 8.03
C THR A 22 -0.19 20.37 9.18
N VAL A 23 0.93 19.73 8.87
CA VAL A 23 1.90 19.43 9.92
C VAL A 23 3.28 20.03 9.66
N PRO A 24 3.82 20.76 10.64
CA PRO A 24 5.15 21.38 10.50
C PRO A 24 6.22 20.30 10.30
N ALA A 25 7.03 20.46 9.25
CA ALA A 25 8.08 19.50 8.92
C ALA A 25 8.83 18.91 10.12
N SER A 26 9.18 19.77 11.06
CA SER A 26 9.91 19.37 12.26
C SER A 26 9.17 18.36 13.13
N GLN A 27 7.84 18.44 13.14
CA GLN A 27 7.03 17.55 13.96
C GLN A 27 6.96 16.16 13.33
N ILE A 28 7.56 16.01 12.16
CA ILE A 28 7.58 14.75 11.43
C ILE A 28 8.98 14.13 11.58
N VAL A 29 9.01 12.82 11.80
CA VAL A 29 10.27 12.10 11.93
C VAL A 29 10.25 10.93 10.96
N ALA A 30 11.18 10.93 10.02
CA ALA A 30 11.22 9.85 9.05
C ALA A 30 12.32 8.90 9.44
N ILE A 31 11.95 7.67 9.74
CA ILE A 31 12.93 6.66 10.13
C ILE A 31 13.29 5.89 8.86
N VAL A 32 14.48 6.17 8.35
CA VAL A 32 14.94 5.55 7.12
C VAL A 32 16.20 4.73 7.31
N ARG A 33 16.42 3.77 6.42
CA ARG A 33 17.60 2.94 6.48
C ARG A 33 18.76 3.60 5.73
N ASN A 34 18.41 4.36 4.70
CA ASN A 34 19.40 5.05 3.87
C ASN A 34 19.10 6.54 3.70
N PRO A 35 19.72 7.39 4.52
CA PRO A 35 19.51 8.84 4.45
C PRO A 35 19.91 9.46 3.11
N ALA A 36 20.68 8.73 2.32
CA ALA A 36 21.11 9.21 1.01
C ALA A 36 19.88 9.40 0.13
N LYS A 37 18.87 8.56 0.33
CA LYS A 37 17.65 8.64 -0.44
C LYS A 37 16.63 9.53 0.25
N ALA A 38 17.09 10.25 1.28
CA ALA A 38 16.20 11.14 2.03
C ALA A 38 16.49 12.61 1.75
N GLN A 39 17.05 12.87 0.57
CA GLN A 39 17.40 14.21 0.13
C GLN A 39 16.24 15.21 0.20
N ALA A 40 15.10 14.83 -0.38
CA ALA A 40 13.93 15.70 -0.38
C ALA A 40 13.46 16.02 1.03
N LEU A 41 13.25 14.96 1.81
CA LEU A 41 12.79 15.10 3.20
C LEU A 41 13.62 16.10 3.98
N ALA A 42 14.94 16.04 3.82
CA ALA A 42 15.83 16.94 4.52
C ALA A 42 15.60 18.38 4.05
N ALA A 43 15.31 18.53 2.76
CA ALA A 43 15.07 19.84 2.17
C ALA A 43 13.61 20.26 2.35
N GLN A 44 13.11 20.14 3.57
CA GLN A 44 11.73 20.50 3.89
C GLN A 44 11.62 20.76 5.37
N GLY A 45 12.66 20.39 6.10
CA GLY A 45 12.67 20.57 7.54
C GLY A 45 12.37 19.27 8.26
N ILE A 46 12.02 18.23 7.50
CA ILE A 46 11.70 16.93 8.09
C ILE A 46 12.90 16.26 8.76
N THR A 47 12.68 15.71 9.94
CA THR A 47 13.72 15.03 10.69
C THR A 47 13.95 13.62 10.15
N VAL A 48 15.22 13.25 9.99
CA VAL A 48 15.58 11.95 9.45
C VAL A 48 16.49 11.17 10.41
N ARG A 49 16.03 9.99 10.82
CA ARG A 49 16.80 9.15 11.73
C ARG A 49 17.09 7.83 11.06
N GLN A 50 18.37 7.45 11.03
CA GLN A 50 18.77 6.21 10.38
C GLN A 50 18.52 5.00 11.29
N ALA A 51 17.96 3.94 10.72
CA ALA A 51 17.69 2.74 11.49
C ALA A 51 17.54 1.47 10.64
N ASP A 52 18.45 0.54 10.87
CA ASP A 52 18.45 -0.75 10.20
C ASP A 52 17.25 -1.54 10.74
N TYR A 53 16.24 -1.79 9.88
CA TYR A 53 15.03 -2.52 10.31
C TYR A 53 15.30 -3.82 11.08
N GLY A 54 16.45 -4.43 10.83
CA GLY A 54 16.81 -5.66 11.52
C GLY A 54 17.56 -5.34 12.81
N ASP A 55 17.50 -4.08 13.20
CA ASP A 55 18.18 -3.58 14.39
C ASP A 55 17.18 -2.95 15.37
N GLU A 56 16.71 -3.73 16.35
CA GLU A 56 15.75 -3.22 17.31
C GLU A 56 16.31 -2.06 18.13
N ALA A 57 17.55 -2.20 18.58
CA ALA A 57 18.17 -1.14 19.37
C ALA A 57 18.11 0.17 18.61
N ALA A 58 18.61 0.17 17.37
CA ALA A 58 18.62 1.36 16.53
C ALA A 58 17.22 1.89 16.29
N LEU A 59 16.26 0.98 16.15
CA LEU A 59 14.87 1.38 15.94
C LEU A 59 14.31 2.06 17.19
N THR A 60 14.73 1.58 18.36
CA THR A 60 14.28 2.14 19.62
C THR A 60 14.82 3.55 19.78
N SER A 61 16.10 3.74 19.46
CA SER A 61 16.72 5.06 19.56
C SER A 61 15.99 5.98 18.59
N ALA A 62 15.70 5.44 17.41
CA ALA A 62 15.02 6.19 16.36
C ALA A 62 13.58 6.53 16.73
N LEU A 63 12.99 5.78 17.66
CA LEU A 63 11.61 6.04 18.06
C LEU A 63 11.46 6.94 19.29
N GLN A 64 12.58 7.40 19.84
CA GLN A 64 12.53 8.25 21.02
C GLN A 64 11.67 9.49 20.77
N GLY A 65 10.86 9.83 21.78
CA GLY A 65 10.00 11.00 21.68
C GLY A 65 8.80 10.83 20.76
N VAL A 66 8.76 9.78 19.96
CA VAL A 66 7.64 9.56 19.05
C VAL A 66 6.32 9.21 19.76
N GLU A 67 5.31 10.03 19.54
CA GLU A 67 4.02 9.77 20.16
C GLU A 67 3.17 8.88 19.26
N LYS A 68 3.21 9.18 17.97
CA LYS A 68 2.43 8.44 17.00
C LYS A 68 3.31 7.94 15.85
N LEU A 69 3.20 6.64 15.57
CA LEU A 69 3.99 6.01 14.55
C LEU A 69 3.17 5.36 13.44
N LEU A 70 3.55 5.63 12.19
CA LEU A 70 2.90 5.01 11.05
C LEU A 70 3.89 3.97 10.58
N LEU A 71 3.47 2.72 10.60
CA LEU A 71 4.34 1.65 10.14
C LEU A 71 3.99 1.30 8.71
N ILE A 72 4.55 2.03 7.76
CA ILE A 72 4.30 1.70 6.37
C ILE A 72 4.97 0.35 6.23
N SER A 73 4.19 -0.68 5.93
CA SER A 73 4.71 -2.03 5.80
C SER A 73 5.98 -2.10 4.95
N SER A 74 6.77 -3.14 5.16
CA SER A 74 8.01 -3.32 4.42
C SER A 74 7.74 -3.90 3.03
N SER A 75 8.51 -3.44 2.05
CA SER A 75 8.37 -3.91 0.68
C SER A 75 9.17 -5.21 0.50
N GLU A 76 10.00 -5.53 1.50
CA GLU A 76 10.82 -6.73 1.47
C GLU A 76 9.92 -7.93 1.74
N VAL A 77 8.87 -8.07 0.94
CA VAL A 77 7.93 -9.17 1.08
C VAL A 77 8.65 -10.53 1.11
N GLY A 78 8.70 -11.13 2.29
CA GLY A 78 9.36 -12.41 2.45
C GLY A 78 9.97 -12.51 3.82
N GLN A 79 10.50 -11.40 4.32
CA GLN A 79 11.10 -11.37 5.64
C GLN A 79 10.50 -10.20 6.42
N ARG A 80 9.30 -9.82 6.01
CA ARG A 80 8.58 -8.70 6.61
C ARG A 80 8.18 -8.83 8.08
N ALA A 81 7.71 -10.00 8.49
CA ALA A 81 7.28 -10.20 9.87
C ALA A 81 8.38 -9.87 10.87
N PRO A 82 9.55 -10.51 10.74
CA PRO A 82 10.65 -10.24 11.67
C PRO A 82 10.98 -8.77 11.75
N GLN A 83 10.92 -8.08 10.61
CA GLN A 83 11.21 -6.66 10.57
C GLN A 83 10.20 -5.88 11.40
N HIS A 84 8.93 -6.14 11.17
CA HIS A 84 7.85 -5.48 11.89
C HIS A 84 7.85 -5.91 13.35
N ARG A 85 8.46 -7.07 13.62
CA ARG A 85 8.54 -7.58 14.98
C ARG A 85 9.45 -6.61 15.73
N ASN A 86 10.59 -6.34 15.11
CA ASN A 86 11.58 -5.42 15.65
C ASN A 86 10.95 -4.05 15.89
N VAL A 87 10.33 -3.51 14.85
CA VAL A 87 9.69 -2.21 14.94
C VAL A 87 8.69 -2.13 16.08
N ILE A 88 7.81 -3.12 16.19
CA ILE A 88 6.82 -3.07 17.24
C ILE A 88 7.46 -3.13 18.62
N ASN A 89 8.53 -3.92 18.78
CA ASN A 89 9.19 -4.00 20.08
C ASN A 89 9.96 -2.72 20.41
N ALA A 90 10.49 -2.07 19.38
CA ALA A 90 11.20 -0.81 19.58
C ALA A 90 10.21 0.22 20.10
N ALA A 91 9.05 0.26 19.47
CA ALA A 91 7.99 1.18 19.86
C ALA A 91 7.58 0.98 21.32
N LYS A 92 7.39 -0.28 21.72
CA LYS A 92 7.01 -0.58 23.09
C LYS A 92 8.03 0.00 24.05
N ALA A 93 9.30 -0.29 23.78
CA ALA A 93 10.39 0.18 24.62
C ALA A 93 10.50 1.71 24.61
N ALA A 94 10.37 2.31 23.43
CA ALA A 94 10.48 3.77 23.31
C ALA A 94 9.27 4.51 23.87
N GLY A 95 8.16 3.79 24.05
CA GLY A 95 6.98 4.44 24.61
C GLY A 95 6.03 5.06 23.59
N VAL A 96 6.02 4.53 22.38
CA VAL A 96 5.12 5.04 21.36
C VAL A 96 3.69 4.83 21.89
N LYS A 97 2.86 5.88 21.79
CA LYS A 97 1.49 5.80 22.28
C LYS A 97 0.48 5.30 21.23
N PHE A 98 0.80 5.49 19.95
CA PHE A 98 -0.10 5.06 18.90
C PHE A 98 0.61 4.65 17.61
N ILE A 99 0.20 3.50 17.07
CA ILE A 99 0.77 2.95 15.84
C ILE A 99 -0.31 2.70 14.79
N ALA A 100 -0.12 3.23 13.58
CA ALA A 100 -1.07 2.98 12.49
C ALA A 100 -0.29 2.09 11.55
N TYR A 101 -0.94 1.07 11.01
CA TYR A 101 -0.25 0.15 10.12
C TYR A 101 -0.94 -0.11 8.78
N THR A 102 -0.15 -0.16 7.72
CA THR A 102 -0.70 -0.43 6.39
C THR A 102 -0.71 -1.94 6.25
N SER A 103 -1.91 -2.52 6.25
CA SER A 103 -2.05 -3.95 6.12
C SER A 103 -2.65 -4.23 4.74
N LEU A 104 -3.54 -5.21 4.66
CA LEU A 104 -4.19 -5.54 3.40
C LEU A 104 -5.70 -5.60 3.60
N LEU A 105 -6.45 -5.11 2.61
CA LEU A 105 -7.91 -5.10 2.67
C LEU A 105 -8.42 -6.46 3.16
N HIS A 106 -9.28 -6.44 4.18
CA HIS A 106 -9.88 -7.65 4.76
C HIS A 106 -8.87 -8.76 5.04
N ALA A 107 -7.68 -8.37 5.50
CA ALA A 107 -6.60 -9.31 5.78
C ALA A 107 -6.99 -10.69 6.29
N ASP A 108 -7.74 -10.75 7.38
CA ASP A 108 -8.14 -12.02 7.98
C ASP A 108 -8.94 -12.97 7.07
N THR A 109 -9.64 -12.42 6.07
CA THR A 109 -10.44 -13.27 5.18
C THR A 109 -9.99 -13.27 3.73
N SER A 110 -9.02 -12.42 3.41
CA SER A 110 -8.50 -12.30 2.04
C SER A 110 -7.95 -13.61 1.45
N PRO A 111 -8.33 -13.92 0.20
CA PRO A 111 -7.87 -15.15 -0.47
C PRO A 111 -6.46 -14.95 -1.07
N LEU A 112 -5.94 -13.73 -0.99
CA LEU A 112 -4.61 -13.44 -1.52
C LEU A 112 -3.55 -13.91 -0.56
N GLY A 113 -2.48 -14.50 -1.09
CA GLY A 113 -1.41 -14.98 -0.24
C GLY A 113 -0.65 -13.87 0.46
N LEU A 114 -0.72 -12.66 -0.10
CA LEU A 114 -0.06 -11.50 0.47
C LEU A 114 -0.59 -11.16 1.86
N ALA A 115 -1.76 -11.69 2.20
CA ALA A 115 -2.34 -11.41 3.50
C ALA A 115 -1.51 -12.02 4.63
N ASP A 116 -0.78 -13.08 4.32
CA ASP A 116 0.03 -13.77 5.34
C ASP A 116 0.85 -12.87 6.25
N GLU A 117 1.87 -12.22 5.69
CA GLU A 117 2.75 -11.36 6.46
C GLU A 117 2.02 -10.25 7.19
N HIS A 118 0.92 -9.77 6.61
CA HIS A 118 0.16 -8.71 7.24
C HIS A 118 -0.54 -9.25 8.48
N ILE A 119 -1.11 -10.45 8.36
CA ILE A 119 -1.81 -11.05 9.47
C ILE A 119 -0.88 -11.26 10.68
N GLU A 120 0.35 -11.69 10.41
CA GLU A 120 1.31 -11.90 11.49
C GLU A 120 1.57 -10.55 12.17
N THR A 121 1.69 -9.51 11.36
CA THR A 121 1.94 -8.17 11.88
C THR A 121 0.75 -7.62 12.64
N GLU A 122 -0.46 -7.94 12.19
CA GLU A 122 -1.66 -7.46 12.88
C GLU A 122 -1.75 -8.13 14.25
N LYS A 123 -1.31 -9.38 14.33
CA LYS A 123 -1.33 -10.14 15.57
C LYS A 123 -0.38 -9.49 16.58
N MET A 124 0.84 -9.23 16.14
CA MET A 124 1.81 -8.60 17.01
C MET A 124 1.25 -7.30 17.58
N LEU A 125 0.52 -6.56 16.75
CA LEU A 125 -0.06 -5.30 17.20
C LEU A 125 -1.08 -5.60 18.31
N ALA A 126 -1.95 -6.57 18.05
CA ALA A 126 -2.95 -6.96 19.04
C ALA A 126 -2.21 -7.28 20.34
N ASP A 127 -1.06 -7.92 20.20
CA ASP A 127 -0.22 -8.34 21.32
C ASP A 127 0.57 -7.21 22.02
N SER A 128 0.99 -6.22 21.24
CA SER A 128 1.79 -5.11 21.74
C SER A 128 1.32 -4.40 23.00
N GLY A 129 0.02 -4.23 23.14
CA GLY A 129 -0.48 -3.52 24.30
C GLY A 129 -0.48 -2.04 23.96
N ILE A 130 -0.18 -1.73 22.71
CA ILE A 130 -0.17 -0.34 22.25
C ILE A 130 -1.38 -0.07 21.36
N VAL A 131 -2.10 1.01 21.64
CA VAL A 131 -3.27 1.31 20.83
C VAL A 131 -2.81 1.44 19.39
N TYR A 132 -3.56 0.85 18.47
CA TYR A 132 -3.19 0.90 17.06
C TYR A 132 -4.38 0.97 16.15
N THR A 133 -4.09 1.24 14.89
CA THR A 133 -5.13 1.33 13.87
C THR A 133 -4.65 0.62 12.62
N LEU A 134 -5.49 -0.24 12.07
CA LEU A 134 -5.15 -0.98 10.85
C LEU A 134 -5.67 -0.24 9.62
N LEU A 135 -4.75 0.12 8.73
CA LEU A 135 -5.08 0.80 7.49
C LEU A 135 -4.96 -0.31 6.45
N ARG A 136 -6.05 -1.07 6.30
CA ARG A 136 -6.07 -2.17 5.36
C ARG A 136 -6.28 -1.70 3.93
N ASN A 137 -5.20 -1.28 3.30
CA ASN A 137 -5.25 -0.80 1.94
C ASN A 137 -5.62 -1.88 0.91
N GLY A 138 -6.48 -1.50 -0.02
CA GLY A 138 -6.89 -2.40 -1.07
C GLY A 138 -5.83 -2.29 -2.15
N TRP A 139 -6.17 -2.61 -3.39
CA TRP A 139 -5.20 -2.55 -4.47
C TRP A 139 -4.90 -1.16 -5.03
N TYR A 140 -3.64 -0.90 -5.34
CA TYR A 140 -3.24 0.37 -5.94
C TYR A 140 -3.59 0.29 -7.43
N SER A 141 -4.37 1.25 -7.94
CA SER A 141 -4.71 1.23 -9.37
C SER A 141 -3.42 1.18 -10.20
N GLU A 142 -2.36 1.83 -9.72
CA GLU A 142 -1.08 1.85 -10.42
C GLU A 142 -0.44 0.47 -10.63
N ASN A 143 -0.97 -0.55 -9.97
CA ASN A 143 -0.40 -1.89 -10.14
C ASN A 143 -0.73 -2.46 -11.53
N TYR A 144 -2.01 -2.59 -11.83
CA TYR A 144 -2.42 -3.10 -13.12
C TYR A 144 -1.99 -2.13 -14.22
N LEU A 145 -2.14 -0.84 -13.95
CA LEU A 145 -1.76 0.18 -14.91
C LEU A 145 -0.24 0.15 -15.22
N ALA A 146 0.50 -0.69 -14.50
CA ALA A 146 1.93 -0.81 -14.75
C ALA A 146 2.10 -1.66 -16.01
N SER A 147 1.05 -2.39 -16.37
CA SER A 147 1.04 -3.23 -17.55
C SER A 147 0.21 -2.57 -18.66
N ALA A 148 -0.06 -1.29 -18.50
CA ALA A 148 -0.82 -0.55 -19.48
C ALA A 148 -0.08 -0.52 -20.82
N PRO A 149 1.21 -0.18 -20.80
CA PRO A 149 1.98 -0.14 -22.05
C PRO A 149 2.00 -1.48 -22.78
N ALA A 150 2.41 -2.53 -22.06
CA ALA A 150 2.48 -3.86 -22.65
C ALA A 150 1.18 -4.28 -23.32
N ALA A 151 0.06 -3.84 -22.77
CA ALA A 151 -1.25 -4.17 -23.30
C ALA A 151 -1.55 -3.29 -24.51
N LEU A 152 -1.02 -2.07 -24.50
CA LEU A 152 -1.23 -1.13 -25.59
C LEU A 152 -0.39 -1.50 -26.80
N GLU A 153 0.84 -1.93 -26.55
CA GLU A 153 1.76 -2.31 -27.63
C GLU A 153 1.42 -3.68 -28.19
N HIS A 154 1.37 -4.68 -27.32
CA HIS A 154 1.08 -6.03 -27.74
C HIS A 154 -0.41 -6.32 -27.99
N GLY A 155 -1.22 -5.27 -27.89
CA GLY A 155 -2.65 -5.40 -28.16
C GLY A 155 -3.65 -5.90 -27.14
N VAL A 156 -3.22 -6.61 -26.11
CA VAL A 156 -4.16 -7.12 -25.13
C VAL A 156 -3.63 -7.33 -23.70
N PHE A 157 -4.54 -7.25 -22.73
CA PHE A 157 -4.23 -7.40 -21.32
C PHE A 157 -4.57 -8.81 -20.83
N ILE A 158 -3.65 -9.41 -20.07
CA ILE A 158 -3.86 -10.77 -19.58
C ILE A 158 -3.72 -10.91 -18.06
N GLY A 159 -4.39 -11.92 -17.52
CA GLY A 159 -4.33 -12.18 -16.10
C GLY A 159 -5.22 -13.36 -15.72
N ALA A 160 -5.37 -13.60 -14.42
CA ALA A 160 -6.20 -14.69 -13.93
C ALA A 160 -7.19 -14.16 -12.92
N ALA A 161 -7.83 -13.04 -13.24
CA ALA A 161 -8.78 -12.45 -12.32
C ALA A 161 -10.25 -12.73 -12.67
N GLY A 162 -10.47 -13.40 -13.79
CA GLY A 162 -11.82 -13.70 -14.22
C GLY A 162 -12.68 -12.45 -14.21
N ASP A 163 -13.75 -12.47 -13.44
CA ASP A 163 -14.64 -11.33 -13.34
C ASP A 163 -14.49 -10.63 -11.98
N GLY A 164 -13.49 -11.06 -11.20
CA GLY A 164 -13.26 -10.44 -9.91
C GLY A 164 -13.29 -8.92 -9.99
N LYS A 165 -13.78 -8.27 -8.95
CA LYS A 165 -13.88 -6.81 -8.91
C LYS A 165 -12.80 -6.14 -8.06
N ILE A 166 -11.99 -5.31 -8.70
CA ILE A 166 -10.91 -4.61 -8.04
C ILE A 166 -11.31 -3.16 -7.71
N ALA A 167 -11.58 -2.90 -6.44
CA ALA A 167 -11.94 -1.56 -6.00
C ALA A 167 -10.64 -0.82 -5.72
N SER A 168 -9.90 -0.57 -6.78
CA SER A 168 -8.61 0.12 -6.71
C SER A 168 -8.73 1.57 -6.28
N ALA A 169 -7.58 2.14 -5.92
CA ALA A 169 -7.48 3.54 -5.51
C ALA A 169 -6.00 3.89 -5.69
N THR A 170 -5.72 5.15 -5.97
CA THR A 170 -4.34 5.59 -6.16
C THR A 170 -3.52 5.52 -4.89
N ARG A 171 -2.20 5.59 -5.04
CA ARG A 171 -1.33 5.59 -3.87
C ARG A 171 -1.62 6.85 -3.07
N ALA A 172 -1.84 7.95 -3.77
CA ALA A 172 -2.13 9.23 -3.12
C ALA A 172 -3.37 9.16 -2.26
N ASP A 173 -4.39 8.41 -2.71
CA ASP A 173 -5.62 8.26 -1.93
C ASP A 173 -5.29 7.62 -0.59
N TYR A 174 -4.70 6.43 -0.63
CA TYR A 174 -4.33 5.68 0.57
C TYR A 174 -3.39 6.48 1.49
N ALA A 175 -2.47 7.23 0.88
CA ALA A 175 -1.53 8.04 1.66
C ALA A 175 -2.28 9.14 2.40
N ALA A 176 -3.26 9.75 1.74
CA ALA A 176 -4.06 10.79 2.39
C ALA A 176 -4.74 10.15 3.59
N ALA A 177 -5.36 8.99 3.40
CA ALA A 177 -6.06 8.30 4.50
C ALA A 177 -5.10 8.02 5.65
N ALA A 178 -3.89 7.60 5.33
CA ALA A 178 -2.90 7.32 6.36
C ALA A 178 -2.51 8.63 7.03
N ALA A 179 -2.44 9.69 6.23
CA ALA A 179 -2.07 11.00 6.73
C ALA A 179 -3.07 11.50 7.76
N ARG A 180 -4.37 11.33 7.50
CA ARG A 180 -5.39 11.76 8.45
C ARG A 180 -5.29 10.96 9.74
N VAL A 181 -5.23 9.64 9.62
CA VAL A 181 -5.16 8.77 10.78
C VAL A 181 -4.03 9.12 11.75
N ILE A 182 -2.83 9.36 11.22
CA ILE A 182 -1.69 9.67 12.09
C ILE A 182 -1.64 11.13 12.58
N SER A 183 -2.33 12.04 11.89
CA SER A 183 -2.31 13.44 12.27
C SER A 183 -3.59 13.90 12.97
N GLU A 184 -4.75 13.49 12.45
CA GLU A 184 -6.01 13.90 13.05
C GLU A 184 -6.49 12.98 14.18
N ALA A 185 -7.30 13.52 15.08
CA ALA A 185 -7.82 12.75 16.20
C ALA A 185 -9.10 12.01 15.85
N GLY A 186 -9.38 10.95 16.58
CA GLY A 186 -10.57 10.16 16.36
C GLY A 186 -10.36 8.97 15.44
N HIS A 187 -9.11 8.55 15.29
CA HIS A 187 -8.77 7.43 14.42
C HIS A 187 -7.88 6.38 15.07
N GLU A 188 -8.00 6.20 16.38
CA GLU A 188 -7.18 5.20 17.05
C GLU A 188 -8.00 3.96 17.36
N GLY A 189 -7.37 2.78 17.25
CA GLY A 189 -8.04 1.53 17.54
C GLY A 189 -9.00 1.03 16.47
N LYS A 190 -9.01 1.70 15.33
CA LYS A 190 -9.91 1.33 14.25
C LYS A 190 -9.30 0.32 13.28
N VAL A 191 -10.18 -0.37 12.57
CA VAL A 191 -9.79 -1.33 11.55
C VAL A 191 -10.42 -0.80 10.26
N TYR A 192 -9.67 0.00 9.52
CA TYR A 192 -10.19 0.56 8.29
C TYR A 192 -9.97 -0.29 7.05
N GLU A 193 -11.08 -0.68 6.43
CA GLU A 193 -11.04 -1.45 5.18
C GLU A 193 -11.07 -0.37 4.12
N LEU A 194 -9.89 -0.02 3.61
CA LEU A 194 -9.78 1.05 2.62
C LEU A 194 -9.71 0.60 1.17
N ALA A 195 -10.60 1.15 0.35
CA ALA A 195 -10.65 0.80 -1.06
C ALA A 195 -11.31 1.90 -1.91
N GLY A 196 -11.39 1.67 -3.21
CA GLY A 196 -11.99 2.65 -4.08
C GLY A 196 -13.52 2.73 -3.94
N ASP A 197 -14.07 3.87 -4.31
CA ASP A 197 -15.51 4.07 -4.27
C ASP A 197 -16.14 3.16 -5.30
N SER A 198 -15.39 2.91 -6.37
CA SER A 198 -15.86 2.04 -7.43
C SER A 198 -14.95 0.83 -7.57
N ALA A 199 -15.45 -0.16 -8.30
CA ALA A 199 -14.71 -1.39 -8.57
C ALA A 199 -14.80 -1.66 -10.07
N TRP A 200 -13.89 -2.46 -10.59
CA TRP A 200 -13.88 -2.75 -12.01
C TRP A 200 -13.22 -4.07 -12.34
N THR A 201 -13.70 -4.71 -13.41
CA THR A 201 -13.12 -5.98 -13.84
C THR A 201 -11.96 -5.69 -14.77
N LEU A 202 -11.08 -6.67 -14.92
CA LEU A 202 -9.93 -6.51 -15.80
C LEU A 202 -10.37 -6.20 -17.23
N THR A 203 -11.59 -6.63 -17.56
CA THR A 203 -12.10 -6.39 -18.90
C THR A 203 -12.53 -4.92 -18.98
N GLN A 204 -13.13 -4.41 -17.91
CA GLN A 204 -13.53 -3.02 -17.91
C GLN A 204 -12.27 -2.18 -18.03
N LEU A 205 -11.15 -2.76 -17.60
CA LEU A 205 -9.87 -2.07 -17.68
C LEU A 205 -9.47 -1.99 -19.15
N ALA A 206 -9.59 -3.11 -19.87
CA ALA A 206 -9.22 -3.13 -21.27
C ALA A 206 -10.10 -2.15 -22.06
N ALA A 207 -11.40 -2.23 -21.84
CA ALA A 207 -12.35 -1.34 -22.52
C ALA A 207 -12.06 0.13 -22.19
N GLU A 208 -11.73 0.41 -20.95
CA GLU A 208 -11.42 1.79 -20.57
C GLU A 208 -10.12 2.16 -21.25
N LEU A 209 -9.21 1.20 -21.31
CA LEU A 209 -7.90 1.39 -21.92
C LEU A 209 -8.00 1.65 -23.43
N THR A 210 -8.93 0.99 -24.10
CA THR A 210 -9.07 1.22 -25.53
C THR A 210 -9.84 2.50 -25.79
N LYS A 211 -10.77 2.83 -24.90
CA LYS A 211 -11.60 4.02 -25.01
C LYS A 211 -10.81 5.33 -24.96
N GLN A 212 -9.73 5.37 -24.18
CA GLN A 212 -8.92 6.56 -24.07
C GLN A 212 -7.71 6.56 -25.02
N SER A 213 -7.16 5.38 -25.30
CA SER A 213 -6.01 5.30 -26.19
C SER A 213 -6.45 5.27 -27.65
N GLY A 214 -7.60 4.69 -27.92
CA GLY A 214 -8.08 4.59 -29.28
C GLY A 214 -7.71 3.24 -29.85
N LYS A 215 -6.48 2.80 -29.55
CA LYS A 215 -6.00 1.51 -29.99
C LYS A 215 -6.79 0.45 -29.23
N GLN A 216 -6.99 -0.71 -29.84
CA GLN A 216 -7.76 -1.78 -29.22
C GLN A 216 -7.00 -2.56 -28.15
N VAL A 217 -7.72 -2.98 -27.11
CA VAL A 217 -7.14 -3.76 -26.02
C VAL A 217 -8.16 -4.74 -25.44
N THR A 218 -7.89 -6.02 -25.62
CA THR A 218 -8.77 -7.08 -25.14
C THR A 218 -8.19 -7.67 -23.86
N TYR A 219 -9.04 -8.33 -23.06
CA TYR A 219 -8.58 -8.95 -21.83
C TYR A 219 -8.60 -10.47 -21.98
N GLN A 220 -7.44 -11.09 -21.81
CA GLN A 220 -7.32 -12.54 -21.93
C GLN A 220 -7.17 -13.24 -20.58
N ASN A 221 -8.29 -13.71 -20.03
CA ASN A 221 -8.29 -14.41 -18.75
C ASN A 221 -7.56 -15.75 -18.87
N LEU A 222 -6.50 -15.93 -18.11
CA LEU A 222 -5.73 -17.17 -18.11
C LEU A 222 -5.93 -17.85 -16.75
N SER A 223 -5.46 -19.10 -16.63
CA SER A 223 -5.59 -19.80 -15.36
C SER A 223 -4.44 -19.29 -14.50
N GLU A 224 -4.38 -19.72 -13.25
CA GLU A 224 -3.30 -19.27 -12.38
C GLU A 224 -1.98 -19.81 -12.89
N ALA A 225 -1.92 -21.11 -13.13
CA ALA A 225 -0.69 -21.75 -13.61
C ALA A 225 -0.25 -21.09 -14.91
N ASP A 226 -1.20 -20.85 -15.80
CA ASP A 226 -0.89 -20.19 -17.07
C ASP A 226 -0.31 -18.83 -16.78
N PHE A 227 -1.14 -17.94 -16.25
CA PHE A 227 -0.75 -16.58 -15.93
C PHE A 227 0.66 -16.51 -15.34
N ALA A 228 0.92 -17.28 -14.30
CA ALA A 228 2.24 -17.27 -13.68
C ALA A 228 3.27 -17.55 -14.77
N ALA A 229 3.27 -18.77 -15.28
CA ALA A 229 4.20 -19.17 -16.32
C ALA A 229 4.28 -18.14 -17.44
N ALA A 230 3.20 -17.38 -17.62
CA ALA A 230 3.15 -16.36 -18.66
C ALA A 230 4.11 -15.22 -18.37
N LEU A 231 4.21 -14.82 -17.10
CA LEU A 231 5.09 -13.73 -16.71
C LEU A 231 6.56 -14.12 -16.86
N LYS A 232 6.90 -15.32 -16.36
CA LYS A 232 8.25 -15.83 -16.43
C LYS A 232 8.65 -16.06 -17.89
N SER A 233 7.64 -16.26 -18.74
CA SER A 233 7.87 -16.49 -20.16
C SER A 233 8.60 -15.30 -20.76
N VAL A 234 8.15 -14.11 -20.40
CA VAL A 234 8.76 -12.88 -20.88
C VAL A 234 9.88 -12.53 -19.91
N GLY A 235 10.39 -13.55 -19.23
CA GLY A 235 11.45 -13.33 -18.27
C GLY A 235 10.97 -12.47 -17.11
N LEU A 236 10.52 -13.13 -16.04
CA LEU A 236 10.06 -12.43 -14.86
C LEU A 236 10.41 -13.27 -13.64
N PRO A 237 10.94 -12.64 -12.59
CA PRO A 237 11.32 -13.35 -11.37
C PRO A 237 10.19 -14.25 -10.89
N ASP A 238 10.50 -15.52 -10.65
CA ASP A 238 9.50 -16.48 -10.17
C ASP A 238 8.66 -15.94 -9.03
N GLY A 239 9.32 -15.51 -7.95
CA GLY A 239 8.60 -14.97 -6.82
C GLY A 239 7.51 -14.03 -7.30
N LEU A 240 7.89 -13.06 -8.11
CA LEU A 240 6.95 -12.08 -8.64
C LEU A 240 5.77 -12.69 -9.37
N ALA A 241 6.07 -13.44 -10.43
CA ALA A 241 5.04 -14.09 -11.23
C ALA A 241 4.09 -14.90 -10.35
N ASP A 242 4.65 -15.59 -9.37
CA ASP A 242 3.84 -16.40 -8.46
C ASP A 242 2.89 -15.51 -7.67
N MET A 243 3.46 -14.58 -6.93
CA MET A 243 2.69 -13.65 -6.11
C MET A 243 1.66 -12.93 -6.98
N LEU A 244 2.11 -12.45 -8.13
CA LEU A 244 1.24 -11.73 -9.07
C LEU A 244 0.06 -12.56 -9.54
N ALA A 245 0.32 -13.82 -9.85
CA ALA A 245 -0.73 -14.71 -10.33
C ALA A 245 -1.66 -15.09 -9.18
N ASP A 246 -1.11 -15.23 -7.98
CA ASP A 246 -1.90 -15.59 -6.81
C ASP A 246 -2.88 -14.46 -6.50
N SER A 247 -2.39 -13.24 -6.58
CA SER A 247 -3.21 -12.06 -6.32
C SER A 247 -4.40 -11.98 -7.28
N ASP A 248 -4.15 -12.22 -8.57
CA ASP A 248 -5.22 -12.16 -9.57
C ASP A 248 -6.29 -13.20 -9.22
N VAL A 249 -5.85 -14.37 -8.79
CA VAL A 249 -6.77 -15.45 -8.41
C VAL A 249 -7.50 -15.01 -7.14
N GLY A 250 -6.80 -14.27 -6.29
CA GLY A 250 -7.42 -13.77 -5.07
C GLY A 250 -8.48 -12.76 -5.45
N ALA A 251 -8.23 -12.06 -6.55
CA ALA A 251 -9.17 -11.04 -7.03
C ALA A 251 -10.36 -11.71 -7.71
N SER A 252 -10.10 -12.79 -8.44
CA SER A 252 -11.17 -13.51 -9.14
C SER A 252 -12.12 -14.03 -8.08
N LYS A 253 -11.60 -14.12 -6.85
CA LYS A 253 -12.38 -14.60 -5.73
C LYS A 253 -13.04 -13.43 -4.99
N GLY A 254 -12.84 -12.22 -5.51
CA GLY A 254 -13.44 -11.04 -4.89
C GLY A 254 -12.65 -10.46 -3.73
N GLY A 255 -11.42 -10.93 -3.55
CA GLY A 255 -10.58 -10.46 -2.46
C GLY A 255 -10.11 -9.02 -2.55
N LEU A 256 -10.32 -8.38 -3.70
CA LEU A 256 -9.90 -6.99 -3.87
C LEU A 256 -11.09 -6.11 -3.97
N PHE A 257 -12.25 -6.68 -3.66
CA PHE A 257 -13.49 -5.94 -3.72
C PHE A 257 -13.99 -5.54 -2.33
N ASP A 258 -14.51 -4.33 -2.23
CA ASP A 258 -15.05 -3.78 -0.99
C ASP A 258 -15.80 -2.54 -1.42
N ASP A 259 -16.98 -2.32 -0.86
CA ASP A 259 -17.75 -1.15 -1.22
C ASP A 259 -18.24 -0.42 0.03
N SER A 260 -17.38 -0.33 1.03
CA SER A 260 -17.73 0.33 2.29
C SER A 260 -17.62 1.84 2.19
N LYS A 261 -16.80 2.31 1.26
CA LYS A 261 -16.57 3.75 1.06
C LYS A 261 -15.92 4.38 2.30
N THR A 262 -15.11 3.58 2.99
CA THR A 262 -14.38 4.03 4.16
C THR A 262 -13.27 4.99 3.73
N LEU A 263 -12.66 4.73 2.57
CA LEU A 263 -11.58 5.58 2.07
C LEU A 263 -12.00 7.01 1.79
N SER A 264 -12.97 7.19 0.89
CA SER A 264 -13.44 8.54 0.54
C SER A 264 -14.02 9.30 1.73
N LYS A 265 -14.79 8.61 2.55
CA LYS A 265 -15.40 9.23 3.71
C LYS A 265 -14.30 9.64 4.67
N LEU A 266 -13.16 8.97 4.56
CA LEU A 266 -12.02 9.26 5.43
C LEU A 266 -11.17 10.41 4.88
N ILE A 267 -10.94 10.42 3.57
CA ILE A 267 -10.15 11.50 3.01
C ILE A 267 -11.03 12.73 2.71
N GLY A 268 -12.34 12.59 2.96
CA GLY A 268 -13.25 13.70 2.76
C GLY A 268 -13.63 14.07 1.33
N HIS A 269 -13.43 13.17 0.39
CA HIS A 269 -13.77 13.41 -1.00
C HIS A 269 -13.71 12.10 -1.77
N PRO A 270 -14.19 12.10 -3.01
CA PRO A 270 -14.17 10.88 -3.82
C PRO A 270 -12.76 10.38 -4.13
N THR A 271 -12.59 9.07 -4.10
CA THR A 271 -11.29 8.48 -4.42
C THR A 271 -11.05 8.63 -5.92
N THR A 272 -9.80 8.51 -6.35
CA THR A 272 -9.44 8.65 -7.74
C THR A 272 -9.97 7.49 -8.57
N THR A 273 -10.71 7.81 -9.63
CA THR A 273 -11.31 6.81 -10.50
C THR A 273 -10.30 6.21 -11.46
N LEU A 274 -10.59 5.00 -11.93
CA LEU A 274 -9.71 4.34 -12.88
C LEU A 274 -9.60 5.22 -14.14
N ALA A 275 -10.71 5.85 -14.53
CA ALA A 275 -10.73 6.70 -15.71
C ALA A 275 -9.67 7.79 -15.63
N GLU A 276 -9.58 8.45 -14.47
CA GLU A 276 -8.61 9.51 -14.26
C GLU A 276 -7.18 8.95 -14.26
N SER A 277 -6.98 7.83 -13.57
CA SER A 277 -5.65 7.22 -13.51
C SER A 277 -5.21 6.83 -14.92
N VAL A 278 -6.09 6.13 -15.64
CA VAL A 278 -5.79 5.73 -17.00
C VAL A 278 -5.42 6.98 -17.78
N SER A 279 -6.14 8.07 -17.51
CA SER A 279 -5.90 9.33 -18.19
C SER A 279 -4.41 9.73 -18.13
N HIS A 280 -3.81 9.57 -16.94
CA HIS A 280 -2.42 9.93 -16.73
C HIS A 280 -1.43 9.29 -17.68
N LEU A 281 -1.79 8.14 -18.23
CA LEU A 281 -0.90 7.44 -19.16
C LEU A 281 -0.67 8.33 -20.37
N PHE A 282 -1.59 9.27 -20.59
CA PHE A 282 -1.52 10.20 -21.70
C PHE A 282 -1.52 11.64 -21.16
N ASN A 283 -1.13 11.79 -19.89
CA ASN A 283 -1.07 13.08 -19.23
C ASN A 283 -0.70 14.21 -20.18
#